data_6FKK
#
_entry.id   6FKK
#
_cell.length_a   163.256
_cell.length_b   163.256
_cell.length_c   140.403
_cell.angle_alpha   90.00
_cell.angle_beta   90.00
_cell.angle_gamma   120.00
#
_symmetry.space_group_name_H-M   'P 61 2 2'
#
loop_
_entity.id
_entity.type
_entity.pdbx_description
1 polymer MIP07328p
2 branched alpha-D-mannopyranose-(1-2)-alpha-D-mannopyranose-(1-2)-alpha-D-mannopyranose-(1-3)-[alpha-D-mannopyranose-(1-3)-[alpha-D-mannopyranose-(1-6)]alpha-D-mannopyranose-(1-6)]beta-D-mannopyranose-(1-4)-2-acetamido-2-deoxy-beta-D-glucopyranose-(1-4)-2-acetamido-2-deoxy-beta-D-glucopyranose
3 branched alpha-D-mannopyranose-(1-3)-beta-D-mannopyranose-(1-4)-2-acetamido-2-deoxy-beta-D-glucopyranose-(1-4)-2-acetamido-2-deoxy-beta-D-glucopyranose
4 non-polymer 2-acetamido-2-deoxy-beta-D-glucopyranose
#
_entity_poly.entity_id   1
_entity_poly.type   'polypeptide(L)'
_entity_poly.pdbx_seq_one_letter_code
;ETGDVKPDLQTKQDKVLAHFIGNSTDYFKILDHNDEFVLVGAKDVIYNVSLNGLKEIARLEWHSTDADRELCALKGKHEW
DCHNYLRVYALRPNGEVLLCGTNSYKPRCRHYTPVEVSSEEAGSAGHAHAMRYEVSRDVEAQGLCPYSPAHNSTYAFADG
HLYSATVADFSGGDPLIYRENLRTEQYDLKQLNQPDFVGAIERNGYVLFFFRELSMEVMNFGKAVYSRVARVCKNDRGGP
YSHGKSWTSFLKARLNCSVPGEFPFYFDEIQAISPIVESGSKSLIYAVFTTSVNAIPGSAVCAFNVDDILAAFDGEFKSQ
KDSQSHWLPVEREQVPKPRPGQCVEDSRTLTSIAVNFIKNHPLMEEAVPAVHGRPLLTKVNLHHRLTAIAVHPQVKSLSG
AYYDVIYSGTDDGKVTKFINILSTHPNSTVDRLKTVVISEMQVLPLGTPIRELVISTSKNSLVVVSDGSLVSVPLHHCSH
IVDCLGCLSLQDPICAWDLQTHECKNLATSQHKFGTKTYLQSLNSTKKAAALLCPHIPRDAPGAETVSFVTMAPPPTEEQ
KLLYSNVGSGTKHHHHHH
;
_entity_poly.pdbx_strand_id   A
#
loop_
_chem_comp.id
_chem_comp.type
_chem_comp.name
_chem_comp.formula
BMA D-saccharide, beta linking beta-D-mannopyranose 'C6 H12 O6'
MAN D-saccharide, alpha linking alpha-D-mannopyranose 'C6 H12 O6'
NAG D-saccharide, beta linking 2-acetamido-2-deoxy-beta-D-glucopyranose 'C8 H15 N O6'
#
# COMPACT_ATOMS: atom_id res chain seq x y z
N LEU A 9 -16.22 20.57 16.99
CA LEU A 9 -14.88 20.31 17.47
C LEU A 9 -14.89 19.12 18.44
N GLN A 10 -15.35 17.97 17.95
CA GLN A 10 -15.32 16.76 18.77
C GLN A 10 -13.92 16.16 18.79
N THR A 11 -13.21 16.22 17.67
CA THR A 11 -11.80 15.84 17.60
C THR A 11 -10.96 17.07 17.33
N LYS A 12 -9.82 17.15 18.00
CA LYS A 12 -8.96 18.33 17.88
C LYS A 12 -8.25 18.34 16.53
N GLN A 13 -8.08 19.55 15.99
CA GLN A 13 -7.39 19.73 14.72
C GLN A 13 -5.89 19.75 14.93
N ASP A 14 -5.16 19.04 14.08
CA ASP A 14 -3.72 18.94 14.22
C ASP A 14 -3.04 20.22 13.73
N LYS A 15 -1.86 20.49 14.30
CA LYS A 15 -1.10 21.70 13.98
C LYS A 15 -0.48 21.54 12.59
N VAL A 16 -1.11 22.17 11.59
CA VAL A 16 -0.62 22.08 10.22
C VAL A 16 0.66 22.90 10.10
N LEU A 17 1.73 22.26 9.64
CA LEU A 17 3.02 22.92 9.47
C LEU A 17 3.13 23.60 8.11
N ALA A 18 2.85 22.88 7.03
CA ALA A 18 2.94 23.43 5.69
C ALA A 18 1.85 22.81 4.83
N HIS A 19 1.55 23.46 3.71
CA HIS A 19 0.52 22.98 2.79
C HIS A 19 0.92 23.31 1.37
N PHE A 20 0.65 22.37 0.47
CA PHE A 20 0.87 22.54 -0.97
C PHE A 20 -0.47 22.31 -1.66
N ILE A 21 -1.07 23.38 -2.17
CA ILE A 21 -2.47 23.36 -2.60
C ILE A 21 -2.54 23.45 -4.11
N GLY A 22 -3.33 22.56 -4.72
CA GLY A 22 -3.74 22.68 -6.10
C GLY A 22 -5.26 22.61 -6.19
N ASN A 23 -5.75 22.71 -7.42
CA ASN A 23 -7.18 22.58 -7.65
C ASN A 23 -7.66 21.17 -7.32
N SER A 24 -8.96 21.06 -7.01
CA SER A 24 -9.53 19.75 -6.71
C SER A 24 -9.50 18.84 -7.95
N THR A 25 -9.50 19.43 -9.14
CA THR A 25 -9.45 18.66 -10.38
C THR A 25 -8.09 18.01 -10.62
N ASP A 26 -7.10 18.25 -9.74
CA ASP A 26 -5.73 17.86 -10.06
C ASP A 26 -5.53 16.36 -9.89
N TYR A 27 -6.17 15.77 -8.89
CA TYR A 27 -6.04 14.35 -8.57
C TYR A 27 -4.57 13.96 -8.40
N PHE A 28 -4.00 14.42 -7.29
CA PHE A 28 -2.60 14.18 -6.99
C PHE A 28 -2.33 12.70 -6.77
N LYS A 29 -1.10 12.28 -7.09
CA LYS A 29 -0.64 10.92 -6.85
C LYS A 29 0.87 10.95 -6.61
N ILE A 30 1.32 10.32 -5.54
CA ILE A 30 2.74 10.28 -5.21
C ILE A 30 3.42 9.24 -6.08
N LEU A 31 4.49 9.66 -6.77
CA LEU A 31 5.22 8.78 -7.68
C LEU A 31 6.57 8.33 -7.13
N ASP A 32 7.23 9.15 -6.33
CA ASP A 32 8.51 8.79 -5.73
C ASP A 32 8.77 9.71 -4.55
N HIS A 33 9.37 9.18 -3.49
CA HIS A 33 9.58 9.97 -2.29
C HIS A 33 10.80 9.46 -1.54
N ASN A 34 11.50 10.39 -0.89
CA ASN A 34 12.52 10.08 0.10
C ASN A 34 12.36 11.10 1.23
N ASP A 35 13.33 11.11 2.15
CA ASP A 35 13.22 11.96 3.34
C ASP A 35 13.28 13.45 3.04
N GLU A 36 13.66 13.85 1.83
CA GLU A 36 13.85 15.27 1.52
C GLU A 36 13.02 15.77 0.35
N PHE A 37 12.77 14.95 -0.66
CA PHE A 37 12.02 15.39 -1.84
C PHE A 37 10.99 14.33 -2.22
N VAL A 38 9.89 14.80 -2.80
CA VAL A 38 8.78 13.93 -3.17
C VAL A 38 8.26 14.37 -4.54
N LEU A 39 7.89 13.40 -5.37
CA LEU A 39 7.33 13.65 -6.69
C LEU A 39 5.82 13.44 -6.65
N VAL A 40 5.08 14.37 -7.25
CA VAL A 40 3.62 14.33 -7.23
C VAL A 40 3.13 14.36 -8.68
N GLY A 41 2.58 13.24 -9.14
CA GLY A 41 1.97 13.19 -10.45
C GLY A 41 0.58 13.78 -10.44
N ALA A 42 0.34 14.78 -11.29
CA ALA A 42 -0.92 15.51 -11.25
C ALA A 42 -1.51 15.66 -12.65
N LYS A 43 -2.53 16.52 -12.76
CA LYS A 43 -3.12 16.83 -14.06
C LYS A 43 -2.15 17.68 -14.86
N ASP A 44 -1.65 17.12 -15.97
CA ASP A 44 -0.81 17.82 -16.93
C ASP A 44 0.55 18.20 -16.37
N VAL A 45 0.79 17.98 -15.08
CA VAL A 45 2.02 18.40 -14.42
C VAL A 45 2.50 17.30 -13.48
N ILE A 46 3.81 17.23 -13.31
CA ILE A 46 4.44 16.47 -12.23
C ILE A 46 5.33 17.42 -11.45
N TYR A 47 5.25 17.39 -10.12
CA TYR A 47 5.90 18.36 -9.26
C TYR A 47 7.01 17.72 -8.44
N ASN A 48 8.15 18.42 -8.36
CA ASN A 48 9.23 18.08 -7.44
C ASN A 48 9.11 19.01 -6.24
N VAL A 49 8.74 18.47 -5.09
CA VAL A 49 8.36 19.25 -3.93
C VAL A 49 9.30 18.93 -2.77
N SER A 50 9.91 19.97 -2.19
CA SER A 50 10.74 19.78 -1.01
C SER A 50 9.86 19.57 0.22
N LEU A 51 10.33 18.72 1.14
CA LEU A 51 9.53 18.30 2.27
C LEU A 51 9.67 19.20 3.50
N ASN A 52 10.66 20.10 3.52
CA ASN A 52 10.86 20.92 4.72
C ASN A 52 9.76 21.97 4.84
N GLY A 53 9.33 22.56 3.73
CA GLY A 53 8.29 23.57 3.77
C GLY A 53 7.19 23.34 2.76
N LEU A 54 7.16 22.15 2.16
CA LEU A 54 6.21 21.81 1.10
C LEU A 54 6.26 22.85 -0.02
N LYS A 55 7.46 23.31 -0.35
CA LYS A 55 7.67 24.31 -1.38
C LYS A 55 8.15 23.63 -2.66
N GLU A 56 7.66 24.13 -3.78
CA GLU A 56 7.95 23.53 -5.08
C GLU A 56 9.36 23.87 -5.53
N ILE A 57 10.08 22.87 -6.02
CA ILE A 57 11.46 23.02 -6.48
C ILE A 57 11.55 22.94 -8.00
N ALA A 58 11.02 21.86 -8.60
CA ALA A 58 11.08 21.66 -10.03
C ALA A 58 9.71 21.23 -10.56
N ARG A 59 9.36 21.73 -11.74
CA ARG A 59 8.07 21.45 -12.36
C ARG A 59 8.28 20.97 -13.78
N LEU A 60 7.57 19.91 -14.15
CA LEU A 60 7.58 19.39 -15.52
C LEU A 60 6.14 19.31 -15.99
N GLU A 61 5.82 20.06 -17.05
CA GLU A 61 4.46 20.14 -17.58
C GLU A 61 4.34 19.33 -18.85
N TRP A 62 3.19 18.67 -19.02
CA TRP A 62 2.96 17.78 -20.15
C TRP A 62 1.46 17.77 -20.42
N HIS A 63 1.06 18.34 -21.56
CA HIS A 63 -0.35 18.52 -21.89
C HIS A 63 -0.75 17.66 -23.06
N SER A 64 -2.04 17.34 -23.12
CA SER A 64 -2.59 16.58 -24.23
C SER A 64 -2.83 17.51 -25.41
N THR A 65 -2.44 17.07 -26.60
CA THR A 65 -2.73 17.83 -27.81
C THR A 65 -4.24 18.00 -27.96
N ASP A 66 -4.64 19.10 -28.59
CA ASP A 66 -6.05 19.33 -28.84
C ASP A 66 -6.65 18.21 -29.70
N ALA A 67 -5.82 17.59 -30.55
CA ALA A 67 -6.28 16.40 -31.26
C ALA A 67 -6.57 15.26 -30.31
N ASP A 68 -5.72 15.09 -29.28
CA ASP A 68 -5.94 14.01 -28.32
C ASP A 68 -7.14 14.29 -27.43
N ARG A 69 -7.31 15.53 -26.99
CA ARG A 69 -8.44 15.85 -26.13
C ARG A 69 -9.76 15.81 -26.90
N GLU A 70 -9.76 16.26 -28.15
CA GLU A 70 -10.97 16.21 -28.96
C GLU A 70 -11.45 14.77 -29.13
N LEU A 71 -10.56 13.88 -29.57
CA LEU A 71 -10.95 12.48 -29.71
C LEU A 71 -11.34 11.87 -28.38
N CYS A 72 -10.72 12.33 -27.28
CA CYS A 72 -11.12 11.88 -25.96
C CYS A 72 -12.55 12.31 -25.65
N ALA A 73 -12.86 13.60 -25.89
CA ALA A 73 -14.23 14.06 -25.71
C ALA A 73 -15.17 13.40 -26.71
N LEU A 74 -14.68 13.11 -27.92
CA LEU A 74 -15.47 12.35 -28.88
C LEU A 74 -15.72 10.93 -28.39
N LYS A 75 -14.80 10.37 -27.60
CA LYS A 75 -14.95 9.02 -27.08
C LYS A 75 -16.02 8.91 -26.02
N GLY A 76 -16.61 10.02 -25.59
CA GLY A 76 -17.63 10.02 -24.57
C GLY A 76 -17.15 10.25 -23.15
N LYS A 77 -16.07 10.99 -22.95
CA LYS A 77 -15.55 11.29 -21.63
C LYS A 77 -15.66 12.78 -21.36
N HIS A 78 -15.73 13.14 -20.08
CA HIS A 78 -15.92 14.54 -19.69
C HIS A 78 -14.60 15.30 -19.76
N GLU A 79 -14.70 16.60 -19.51
CA GLU A 79 -13.52 17.47 -19.63
C GLU A 79 -12.44 17.07 -18.63
N TRP A 80 -12.85 16.82 -17.39
CA TRP A 80 -11.87 16.51 -16.34
C TRP A 80 -11.15 15.20 -16.63
N ASP A 81 -11.78 14.31 -17.40
CA ASP A 81 -11.12 13.08 -17.79
C ASP A 81 -10.13 13.30 -18.95
N CYS A 82 -10.43 14.24 -19.84
CA CYS A 82 -9.61 14.48 -21.03
C CYS A 82 -8.46 15.42 -20.68
N HIS A 83 -7.55 14.90 -19.84
CA HIS A 83 -6.30 15.56 -19.49
C HIS A 83 -5.20 14.51 -19.45
N ASN A 84 -4.00 14.93 -19.10
CA ASN A 84 -2.85 14.04 -19.03
C ASN A 84 -2.41 13.94 -17.57
N TYR A 85 -2.97 12.97 -16.86
CA TYR A 85 -2.61 12.69 -15.48
C TYR A 85 -1.38 11.78 -15.46
N LEU A 86 -0.26 12.31 -14.99
CA LEU A 86 0.96 11.51 -14.92
C LEU A 86 0.86 10.51 -13.76
N ARG A 87 1.18 9.25 -14.05
CA ARG A 87 0.94 8.18 -13.09
C ARG A 87 2.08 7.19 -12.95
N VAL A 88 3.13 7.29 -13.76
CA VAL A 88 4.23 6.31 -13.74
C VAL A 88 5.56 7.06 -13.81
N TYR A 89 6.42 6.84 -12.82
CA TYR A 89 7.77 7.38 -12.81
C TYR A 89 8.76 6.28 -12.44
N ALA A 90 9.92 6.28 -13.11
CA ALA A 90 10.97 5.32 -12.81
C ALA A 90 12.30 5.89 -13.26
N LEU A 91 13.32 5.74 -12.41
CA LEU A 91 14.67 6.16 -12.73
C LEU A 91 15.40 4.96 -13.35
N ARG A 92 15.53 4.98 -14.67
CA ARG A 92 16.11 3.85 -15.39
C ARG A 92 17.58 3.66 -15.02
N PRO A 93 18.11 2.45 -15.21
CA PRO A 93 19.53 2.21 -14.89
C PRO A 93 20.50 3.03 -15.72
N ASN A 94 20.06 3.66 -16.82
CA ASN A 94 20.93 4.52 -17.62
C ASN A 94 21.04 5.92 -17.07
N GLY A 95 20.43 6.21 -15.92
CA GLY A 95 20.27 7.57 -15.46
C GLY A 95 19.11 8.31 -16.10
N GLU A 96 18.41 7.69 -17.04
CA GLU A 96 17.25 8.30 -17.68
C GLU A 96 16.07 8.35 -16.72
N VAL A 97 15.03 9.06 -17.13
CA VAL A 97 13.79 9.20 -16.38
C VAL A 97 12.64 8.73 -17.23
N LEU A 98 11.82 7.84 -16.70
CA LEU A 98 10.66 7.31 -17.38
C LEU A 98 9.41 7.99 -16.86
N LEU A 99 8.58 8.52 -17.77
CA LEU A 99 7.34 9.18 -17.40
C LEU A 99 6.21 8.71 -18.31
N CYS A 100 5.11 8.30 -17.69
CA CYS A 100 3.93 7.85 -18.42
C CYS A 100 2.70 8.53 -17.85
N GLY A 101 1.77 8.92 -18.73
CA GLY A 101 0.57 9.60 -18.30
C GLY A 101 -0.64 9.10 -19.07
N THR A 102 -1.82 9.41 -18.53
CA THR A 102 -3.06 8.96 -19.14
C THR A 102 -3.25 9.57 -20.53
N ASN A 103 -2.95 10.86 -20.67
CA ASN A 103 -3.01 11.57 -21.96
C ASN A 103 -4.39 11.43 -22.60
N SER A 104 -5.41 11.83 -21.84
CA SER A 104 -6.79 11.85 -22.32
C SER A 104 -7.21 10.50 -22.90
N TYR A 105 -7.05 9.46 -22.09
CA TYR A 105 -7.36 8.08 -22.48
C TYR A 105 -6.58 7.66 -23.73
N LYS A 106 -5.37 8.16 -23.87
CA LYS A 106 -4.44 7.74 -24.92
C LYS A 106 -3.06 7.63 -24.29
N PRO A 107 -2.87 6.63 -23.42
CA PRO A 107 -1.67 6.62 -22.58
C PRO A 107 -0.39 6.47 -23.37
N ARG A 108 0.62 7.25 -22.99
CA ARG A 108 1.93 7.24 -23.63
C ARG A 108 3.01 7.23 -22.57
N CYS A 109 4.22 6.81 -22.95
CA CYS A 109 5.39 6.85 -22.09
C CYS A 109 6.50 7.63 -22.78
N ARG A 110 7.36 8.24 -21.97
CA ARG A 110 8.46 9.04 -22.48
C ARG A 110 9.72 8.77 -21.65
N HIS A 111 10.87 8.96 -22.28
CA HIS A 111 12.17 8.93 -21.61
C HIS A 111 12.79 10.31 -21.66
N TYR A 112 13.38 10.73 -20.56
CA TYR A 112 13.90 12.09 -20.42
C TYR A 112 15.37 12.07 -20.03
N THR A 113 16.02 13.21 -20.23
CA THR A 113 17.42 13.39 -19.85
C THR A 113 17.70 14.85 -19.49
N HIS A 129 18.83 25.66 -10.25
CA HIS A 129 20.19 25.36 -10.67
C HIS A 129 20.22 24.89 -12.13
N ALA A 130 19.66 23.72 -12.37
CA ALA A 130 19.63 23.15 -13.72
C ALA A 130 18.48 22.15 -13.81
N MET A 131 17.61 22.35 -14.80
CA MET A 131 16.49 21.46 -15.06
C MET A 131 16.57 21.00 -16.51
N ARG A 132 16.70 19.70 -16.72
CA ARG A 132 16.86 19.10 -18.04
C ARG A 132 15.58 18.36 -18.42
N TYR A 133 15.04 18.69 -19.60
CA TYR A 133 13.78 18.10 -20.09
C TYR A 133 13.90 17.84 -21.59
N GLU A 134 14.66 16.81 -21.96
CA GLU A 134 14.80 16.39 -23.35
C GLU A 134 14.08 15.06 -23.56
N VAL A 135 13.16 15.04 -24.51
CA VAL A 135 12.35 13.84 -24.77
C VAL A 135 13.21 12.87 -25.58
N SER A 136 13.67 11.81 -24.92
CA SER A 136 14.48 10.79 -25.59
C SER A 136 13.61 9.82 -26.38
N ARG A 137 12.40 9.53 -25.89
CA ARG A 137 11.55 8.54 -26.54
C ARG A 137 10.09 8.89 -26.26
N ASP A 138 9.22 8.40 -27.13
CA ASP A 138 7.77 8.57 -26.98
C ASP A 138 7.10 7.42 -27.71
N VAL A 139 6.33 6.60 -26.98
CA VAL A 139 5.76 5.38 -27.50
C VAL A 139 4.46 5.08 -26.76
N GLU A 140 3.67 4.17 -27.32
CA GLU A 140 2.42 3.73 -26.71
C GLU A 140 2.65 3.22 -25.29
N ALA A 141 1.62 3.34 -24.45
CA ALA A 141 1.65 2.83 -23.08
C ALA A 141 0.49 1.91 -22.79
N GLN A 142 -0.11 1.32 -23.82
CA GLN A 142 -1.21 0.38 -23.64
C GLN A 142 -0.75 -0.80 -22.79
N GLY A 143 -1.40 -1.00 -21.65
CA GLY A 143 -1.02 -2.03 -20.72
C GLY A 143 0.06 -1.65 -19.74
N LEU A 144 0.78 -0.54 -19.99
CA LEU A 144 1.81 -0.08 -19.08
C LEU A 144 1.36 1.10 -18.22
N CYS A 145 0.30 1.80 -18.62
CA CYS A 145 -0.19 2.99 -17.94
C CYS A 145 -1.71 3.00 -18.00
N PRO A 146 -2.39 3.46 -16.95
CA PRO A 146 -3.85 3.49 -16.98
C PRO A 146 -4.38 4.59 -17.88
N TYR A 147 -5.66 4.48 -18.21
CA TYR A 147 -6.33 5.46 -19.04
C TYR A 147 -6.97 6.59 -18.24
N SER A 148 -7.35 6.31 -17.00
CA SER A 148 -8.10 7.24 -16.16
C SER A 148 -7.32 7.56 -14.90
N PRO A 149 -7.51 8.75 -14.31
CA PRO A 149 -6.86 9.06 -13.03
C PRO A 149 -7.34 8.20 -11.87
N ALA A 150 -8.31 7.31 -12.08
CA ALA A 150 -8.79 6.44 -11.03
C ALA A 150 -7.65 5.61 -10.45
N HIS A 151 -7.55 5.60 -9.12
CA HIS A 151 -6.48 4.89 -8.42
C HIS A 151 -6.82 3.41 -8.26
N ASN A 152 -7.02 2.75 -9.41
CA ASN A 152 -7.31 1.32 -9.45
C ASN A 152 -6.11 0.48 -9.88
N SER A 153 -5.01 1.12 -10.28
CA SER A 153 -3.88 0.42 -10.90
C SER A 153 -2.58 0.85 -10.25
N THR A 154 -1.58 -0.04 -10.32
CA THR A 154 -0.28 0.19 -9.70
C THR A 154 0.81 -0.35 -10.63
N TYR A 155 2.07 -0.17 -10.21
CA TYR A 155 3.20 -0.62 -10.99
C TYR A 155 4.40 -0.79 -10.07
N ALA A 156 5.49 -1.33 -10.65
CA ALA A 156 6.73 -1.52 -9.92
C ALA A 156 7.86 -1.71 -10.92
N PHE A 157 8.92 -0.93 -10.78
CA PHE A 157 10.08 -1.00 -11.67
C PHE A 157 11.15 -1.85 -10.98
N ALA A 158 11.34 -3.06 -11.49
CA ALA A 158 12.24 -4.04 -10.87
C ALA A 158 13.24 -4.56 -11.90
N ASP A 159 14.53 -4.45 -11.56
CA ASP A 159 15.62 -4.97 -12.38
C ASP A 159 15.54 -4.45 -13.82
N GLY A 160 15.22 -3.16 -13.96
CA GLY A 160 15.23 -2.50 -15.24
C GLY A 160 13.99 -2.68 -16.10
N HIS A 161 12.94 -3.31 -15.58
CA HIS A 161 11.71 -3.50 -16.33
C HIS A 161 10.53 -2.98 -15.53
N LEU A 162 9.47 -2.63 -16.25
CA LEU A 162 8.26 -2.07 -15.66
C LEU A 162 7.21 -3.18 -15.55
N TYR A 163 6.80 -3.49 -14.32
CA TYR A 163 5.77 -4.48 -14.06
C TYR A 163 4.48 -3.75 -13.76
N SER A 164 3.60 -3.67 -14.76
CA SER A 164 2.39 -2.87 -14.68
C SER A 164 1.17 -3.75 -14.46
N ALA A 165 0.23 -3.25 -13.67
CA ALA A 165 -1.07 -3.90 -13.45
C ALA A 165 -2.15 -2.86 -13.67
N THR A 166 -2.88 -2.97 -14.79
CA THR A 166 -3.87 -1.95 -15.13
C THR A 166 -4.88 -2.56 -16.10
N VAL A 167 -5.50 -1.72 -16.93
CA VAL A 167 -6.38 -2.17 -17.99
C VAL A 167 -5.71 -1.87 -19.33
N ALA A 168 -5.99 -2.72 -20.31
CA ALA A 168 -5.44 -2.56 -21.65
C ALA A 168 -6.41 -1.89 -22.62
N ASP A 169 -7.69 -1.78 -22.26
CA ASP A 169 -8.70 -1.26 -23.15
C ASP A 169 -9.24 0.07 -22.64
N PHE A 170 -9.91 0.80 -23.54
CA PHE A 170 -10.45 2.11 -23.21
C PHE A 170 -11.69 2.00 -22.31
N SER A 171 -12.43 0.91 -22.42
CA SER A 171 -13.65 0.75 -21.64
C SER A 171 -13.40 0.33 -20.21
N GLY A 172 -12.21 -0.20 -19.91
CA GLY A 172 -11.92 -0.69 -18.59
C GLY A 172 -12.37 -2.12 -18.32
N GLY A 173 -12.42 -2.96 -19.34
CA GLY A 173 -12.90 -4.32 -19.17
C GLY A 173 -11.88 -5.37 -19.51
N ASP A 174 -10.61 -4.99 -19.60
CA ASP A 174 -9.51 -5.92 -19.90
C ASP A 174 -8.39 -5.69 -18.90
N PRO A 175 -8.51 -6.25 -17.70
CA PRO A 175 -7.42 -6.13 -16.73
C PRO A 175 -6.28 -7.08 -17.05
N LEU A 176 -5.06 -6.64 -16.73
CA LEU A 176 -3.89 -7.48 -16.97
C LEU A 176 -2.77 -7.08 -16.05
N ILE A 177 -1.78 -7.98 -15.95
CA ILE A 177 -0.47 -7.68 -15.41
C ILE A 177 0.54 -7.95 -16.52
N TYR A 178 1.35 -6.94 -16.84
CA TYR A 178 2.13 -6.94 -18.07
C TYR A 178 3.57 -6.54 -17.81
N ARG A 179 4.48 -7.12 -18.59
CA ARG A 179 5.90 -6.81 -18.53
C ARG A 179 6.64 -7.46 -19.70
N GLU A 180 7.24 -6.66 -20.57
CA GLU A 180 8.08 -7.15 -21.67
C GLU A 180 7.35 -8.21 -22.49
N ASN A 181 6.17 -7.83 -22.99
CA ASN A 181 5.34 -8.69 -23.84
C ASN A 181 4.99 -10.01 -23.15
N LEU A 182 4.74 -9.96 -21.85
CA LEU A 182 4.21 -11.08 -21.09
C LEU A 182 3.02 -10.60 -20.28
N ARG A 183 1.85 -11.18 -20.53
CA ARG A 183 0.63 -10.71 -19.91
C ARG A 183 -0.20 -11.88 -19.41
N THR A 184 -1.06 -11.58 -18.45
CA THR A 184 -2.03 -12.55 -17.97
C THR A 184 -3.06 -12.85 -19.06
N GLU A 185 -3.73 -13.99 -18.93
CA GLU A 185 -4.63 -14.47 -19.97
C GLU A 185 -5.80 -13.51 -20.13
N GLN A 186 -6.00 -13.05 -21.36
CA GLN A 186 -7.04 -12.07 -21.64
C GLN A 186 -8.42 -12.70 -21.52
N TYR A 187 -9.33 -11.98 -20.88
CA TYR A 187 -10.72 -12.41 -20.72
C TYR A 187 -10.84 -13.73 -19.97
N ASP A 188 -9.88 -14.01 -19.09
CA ASP A 188 -9.89 -15.20 -18.25
C ASP A 188 -10.09 -14.76 -16.81
N LEU A 189 -11.22 -15.16 -16.21
CA LEU A 189 -11.57 -14.72 -14.87
C LEU A 189 -10.93 -15.55 -13.77
N LYS A 190 -10.27 -16.67 -14.11
CA LYS A 190 -9.59 -17.45 -13.09
C LYS A 190 -8.34 -16.73 -12.60
N GLN A 191 -7.65 -16.01 -13.49
CA GLN A 191 -6.48 -15.26 -13.07
C GLN A 191 -6.86 -13.90 -12.48
N LEU A 192 -7.74 -13.17 -13.17
CA LEU A 192 -8.16 -11.85 -12.73
C LEU A 192 -9.65 -11.68 -13.00
N ASN A 193 -10.40 -11.20 -12.00
CA ASN A 193 -11.84 -11.05 -12.07
C ASN A 193 -12.21 -9.66 -11.57
N GLN A 194 -12.24 -8.69 -12.49
CA GLN A 194 -12.52 -7.29 -12.17
C GLN A 194 -11.68 -6.78 -10.99
N PRO A 195 -10.36 -6.80 -11.10
CA PRO A 195 -9.52 -6.43 -9.95
C PRO A 195 -9.30 -4.93 -9.85
N ASP A 196 -9.15 -4.48 -8.61
CA ASP A 196 -8.72 -3.12 -8.28
C ASP A 196 -7.39 -3.24 -7.54
N PHE A 197 -6.31 -2.83 -8.18
CA PHE A 197 -4.98 -3.01 -7.61
C PHE A 197 -4.66 -1.91 -6.61
N VAL A 198 -3.92 -2.28 -5.57
CA VAL A 198 -3.57 -1.34 -4.50
C VAL A 198 -2.06 -1.22 -4.30
N GLY A 199 -1.24 -2.07 -4.93
CA GLY A 199 0.19 -1.95 -4.76
C GLY A 199 1.00 -3.07 -5.38
N ALA A 200 2.30 -2.83 -5.56
CA ALA A 200 3.21 -3.82 -6.12
C ALA A 200 4.56 -3.68 -5.43
N ILE A 201 5.10 -4.80 -4.94
CA ILE A 201 6.36 -4.81 -4.20
C ILE A 201 7.28 -5.84 -4.84
N GLU A 202 8.54 -5.45 -5.06
CA GLU A 202 9.58 -6.37 -5.50
C GLU A 202 10.22 -7.04 -4.30
N ARG A 203 10.48 -8.34 -4.41
CA ARG A 203 11.05 -9.08 -3.28
C ARG A 203 11.62 -10.42 -3.77
N ASN A 204 12.91 -10.61 -3.55
CA ASN A 204 13.57 -11.91 -3.65
C ASN A 204 13.35 -12.57 -5.02
N GLY A 205 13.56 -11.79 -6.08
CA GLY A 205 13.39 -12.31 -7.41
C GLY A 205 11.95 -12.41 -7.88
N TYR A 206 10.99 -12.06 -7.04
CA TYR A 206 9.58 -12.00 -7.41
C TYR A 206 9.12 -10.55 -7.48
N VAL A 207 7.96 -10.36 -8.10
CA VAL A 207 7.20 -9.12 -8.01
C VAL A 207 5.84 -9.47 -7.47
N LEU A 208 5.49 -8.91 -6.31
CA LEU A 208 4.23 -9.18 -5.65
C LEU A 208 3.23 -8.08 -5.97
N PHE A 209 1.99 -8.48 -6.25
CA PHE A 209 0.90 -7.55 -6.51
C PHE A 209 -0.21 -7.76 -5.49
N PHE A 210 -0.79 -6.67 -5.01
CA PHE A 210 -1.87 -6.71 -4.04
C PHE A 210 -3.10 -6.05 -4.63
N PHE A 211 -4.24 -6.72 -4.54
CA PHE A 211 -5.46 -6.24 -5.17
C PHE A 211 -6.66 -6.95 -4.56
N ARG A 212 -7.84 -6.42 -4.85
CA ARG A 212 -9.11 -7.04 -4.51
C ARG A 212 -9.85 -7.37 -5.80
N GLU A 213 -10.61 -8.47 -5.78
CA GLU A 213 -11.27 -8.95 -6.98
C GLU A 213 -12.49 -9.77 -6.60
N LEU A 214 -13.32 -10.04 -7.60
CA LEU A 214 -14.47 -10.91 -7.41
C LEU A 214 -14.01 -12.35 -7.20
N SER A 215 -14.85 -13.12 -6.51
CA SER A 215 -14.49 -14.47 -6.08
C SER A 215 -15.18 -15.50 -6.97
N MET A 216 -14.42 -16.49 -7.40
CA MET A 216 -14.97 -17.69 -8.02
C MET A 216 -15.07 -18.86 -7.05
N GLU A 217 -14.19 -18.92 -6.05
CA GLU A 217 -14.12 -20.07 -5.16
C GLU A 217 -15.39 -20.24 -4.32
N VAL A 218 -16.22 -19.19 -4.21
CA VAL A 218 -17.50 -19.35 -3.55
C VAL A 218 -18.37 -20.31 -4.37
N MET A 219 -19.19 -21.10 -3.66
CA MET A 219 -19.95 -22.17 -4.31
C MET A 219 -20.84 -21.63 -5.42
N ASN A 220 -21.65 -20.63 -5.12
CA ASN A 220 -22.61 -20.09 -6.08
C ASN A 220 -22.05 -18.96 -6.93
N PHE A 221 -20.73 -18.75 -6.91
CA PHE A 221 -20.08 -17.68 -7.67
C PHE A 221 -20.67 -16.32 -7.31
N GLY A 222 -21.10 -16.16 -6.06
CA GLY A 222 -21.69 -14.90 -5.63
C GLY A 222 -20.68 -13.77 -5.71
N LYS A 223 -21.21 -12.56 -5.88
CA LYS A 223 -20.37 -11.38 -6.07
C LYS A 223 -19.81 -10.93 -4.72
N ALA A 224 -18.85 -11.71 -4.24
CA ALA A 224 -18.08 -11.41 -3.04
C ALA A 224 -16.69 -10.98 -3.42
N VAL A 225 -16.20 -9.91 -2.79
CA VAL A 225 -14.86 -9.41 -3.06
C VAL A 225 -13.89 -10.05 -2.07
N TYR A 226 -12.79 -10.57 -2.58
CA TYR A 226 -11.70 -11.10 -1.77
C TYR A 226 -10.41 -10.35 -2.09
N SER A 227 -9.54 -10.25 -1.09
CA SER A 227 -8.24 -9.61 -1.25
C SER A 227 -7.17 -10.67 -1.52
N ARG A 228 -6.30 -10.38 -2.49
CA ARG A 228 -5.33 -11.35 -2.97
C ARG A 228 -3.93 -10.76 -2.96
N VAL A 229 -2.95 -11.63 -2.84
CA VAL A 229 -1.56 -11.32 -3.18
C VAL A 229 -1.15 -12.27 -4.31
N ALA A 230 -0.59 -11.71 -5.38
CA ALA A 230 -0.14 -12.49 -6.51
C ALA A 230 1.34 -12.21 -6.76
N ARG A 231 2.00 -13.16 -7.43
CA ARG A 231 3.42 -13.03 -7.68
C ARG A 231 3.76 -13.55 -9.07
N VAL A 232 4.88 -13.05 -9.60
CA VAL A 232 5.42 -13.49 -10.87
C VAL A 232 6.94 -13.56 -10.74
N CYS A 233 7.55 -14.50 -11.47
CA CYS A 233 9.00 -14.58 -11.53
C CYS A 233 9.52 -13.52 -12.49
N LYS A 234 10.56 -12.80 -12.06
CA LYS A 234 11.12 -11.76 -12.93
C LYS A 234 11.84 -12.36 -14.12
N ASN A 235 12.46 -13.53 -13.96
CA ASN A 235 13.18 -14.21 -15.02
C ASN A 235 12.26 -15.00 -15.95
N ASP A 236 10.95 -14.74 -15.89
CA ASP A 236 10.01 -15.45 -16.75
C ASP A 236 10.22 -15.03 -18.20
N ARG A 237 10.41 -16.02 -19.09
CA ARG A 237 10.56 -15.77 -20.52
C ARG A 237 9.36 -16.28 -21.31
N GLY A 238 8.24 -16.54 -20.64
CA GLY A 238 7.10 -17.13 -21.30
C GLY A 238 7.27 -18.63 -21.50
N GLY A 239 6.22 -19.24 -22.06
CA GLY A 239 6.21 -20.66 -22.31
C GLY A 239 6.44 -20.99 -23.76
N PRO A 240 6.30 -22.27 -24.11
CA PRO A 240 6.54 -22.68 -25.50
C PRO A 240 5.35 -22.37 -26.40
N TYR A 241 5.68 -22.09 -27.66
CA TYR A 241 4.70 -21.96 -28.75
C TYR A 241 3.72 -20.84 -28.40
N SER A 242 2.42 -21.09 -28.33
CA SER A 242 1.44 -20.04 -28.10
C SER A 242 1.49 -19.47 -26.68
N HIS A 243 2.21 -20.13 -25.77
CA HIS A 243 2.37 -19.61 -24.41
C HIS A 243 3.49 -18.58 -24.32
N GLY A 244 4.07 -18.16 -25.45
CA GLY A 244 5.22 -17.28 -25.42
C GLY A 244 4.92 -15.86 -24.98
N LYS A 245 3.65 -15.46 -24.97
CA LYS A 245 3.26 -14.12 -24.57
C LYS A 245 2.54 -14.09 -23.23
N SER A 246 2.51 -15.21 -22.51
CA SER A 246 1.80 -15.31 -21.24
C SER A 246 2.75 -15.76 -20.15
N TRP A 247 2.42 -15.40 -18.91
CA TRP A 247 3.23 -15.81 -17.77
C TRP A 247 3.18 -17.33 -17.61
N THR A 248 4.28 -17.88 -17.08
CA THR A 248 4.32 -19.26 -16.65
C THR A 248 4.53 -19.37 -15.14
N SER A 249 4.44 -18.26 -14.43
CA SER A 249 4.71 -18.24 -13.00
C SER A 249 3.69 -17.43 -12.22
N PHE A 250 2.51 -17.19 -12.79
CA PHE A 250 1.49 -16.38 -12.11
C PHE A 250 0.74 -17.24 -11.11
N LEU A 251 0.85 -16.89 -9.83
CA LEU A 251 0.11 -17.53 -8.76
C LEU A 251 -0.46 -16.43 -7.86
N LYS A 252 -1.55 -16.76 -7.16
CA LYS A 252 -2.15 -15.83 -6.22
C LYS A 252 -2.72 -16.59 -5.03
N ALA A 253 -2.81 -15.90 -3.91
CA ALA A 253 -3.35 -16.46 -2.67
C ALA A 253 -4.21 -15.40 -2.00
N ARG A 254 -5.20 -15.86 -1.24
CA ARG A 254 -6.07 -14.95 -0.52
C ARG A 254 -5.39 -14.42 0.72
N LEU A 255 -5.63 -13.15 1.03
CA LEU A 255 -5.18 -12.56 2.28
C LEU A 255 -6.27 -12.70 3.34
N ASN A 256 -5.88 -13.05 4.55
CA ASN A 256 -6.80 -13.34 5.65
C ASN A 256 -6.63 -12.29 6.71
N CYS A 257 -7.48 -11.27 6.68
CA CYS A 257 -7.55 -10.23 7.71
C CYS A 257 -8.91 -10.38 8.39
N SER A 258 -8.94 -11.09 9.51
CA SER A 258 -10.20 -11.40 10.16
C SER A 258 -10.00 -11.46 11.67
N VAL A 259 -11.09 -11.23 12.39
CA VAL A 259 -11.13 -11.39 13.84
C VAL A 259 -11.51 -12.83 14.15
N PRO A 260 -10.65 -13.60 14.82
CA PRO A 260 -10.93 -15.02 15.01
C PRO A 260 -12.12 -15.27 15.93
N GLY A 261 -12.68 -16.46 15.82
CA GLY A 261 -13.80 -16.86 16.64
C GLY A 261 -14.50 -18.04 16.02
N GLU A 262 -15.61 -18.43 16.67
CA GLU A 262 -16.46 -19.47 16.12
C GLU A 262 -17.08 -19.02 14.80
N PHE A 263 -17.42 -17.74 14.70
CA PHE A 263 -17.87 -17.11 13.47
C PHE A 263 -16.94 -15.93 13.18
N PRO A 264 -15.88 -16.15 12.40
CA PRO A 264 -14.90 -15.07 12.19
C PRO A 264 -15.50 -13.90 11.44
N PHE A 265 -14.98 -12.70 11.75
CA PHE A 265 -15.42 -11.46 11.13
C PHE A 265 -14.34 -11.00 10.16
N TYR A 266 -14.65 -11.06 8.86
CA TYR A 266 -13.65 -10.80 7.83
C TYR A 266 -13.68 -9.35 7.37
N PHE A 267 -12.50 -8.81 7.07
CA PHE A 267 -12.34 -7.56 6.34
C PHE A 267 -11.75 -7.96 4.98
N ASP A 268 -12.61 -8.07 3.97
CA ASP A 268 -12.24 -8.74 2.73
C ASP A 268 -11.81 -7.80 1.61
N GLU A 269 -11.90 -6.48 1.79
CA GLU A 269 -11.59 -5.53 0.73
C GLU A 269 -10.38 -4.70 1.14
N ILE A 270 -9.21 -5.08 0.62
CA ILE A 270 -7.99 -4.33 0.90
C ILE A 270 -8.07 -2.97 0.22
N GLN A 271 -7.45 -1.97 0.85
CA GLN A 271 -7.58 -0.59 0.38
C GLN A 271 -6.23 0.06 0.16
N ALA A 272 -5.23 -0.33 0.92
CA ALA A 272 -3.90 0.26 0.83
C ALA A 272 -2.89 -0.65 1.49
N ILE A 273 -1.64 -0.55 1.04
CA ILE A 273 -0.52 -1.25 1.65
C ILE A 273 0.63 -0.28 1.83
N SER A 274 1.54 -0.65 2.71
CA SER A 274 2.77 0.08 2.97
C SER A 274 3.94 -0.64 2.31
N PRO A 275 5.08 0.02 2.15
CA PRO A 275 6.29 -0.69 1.70
C PRO A 275 6.68 -1.77 2.69
N ILE A 276 7.59 -2.64 2.27
CA ILE A 276 8.07 -3.68 3.17
C ILE A 276 8.79 -3.03 4.34
N VAL A 277 8.34 -3.34 5.56
CA VAL A 277 8.89 -2.80 6.79
C VAL A 277 9.80 -3.84 7.41
N GLU A 278 10.96 -3.39 7.90
CA GLU A 278 11.93 -4.27 8.56
C GLU A 278 11.80 -4.08 10.06
N SER A 279 11.09 -4.99 10.70
CA SER A 279 10.90 -4.98 12.15
C SER A 279 11.71 -6.15 12.72
N GLY A 280 12.94 -5.86 13.12
CA GLY A 280 13.81 -6.93 13.62
C GLY A 280 14.17 -7.88 12.49
N SER A 281 14.09 -9.18 12.80
CA SER A 281 14.41 -10.20 11.82
C SER A 281 13.25 -10.49 10.88
N LYS A 282 12.15 -9.76 10.99
CA LYS A 282 10.94 -10.04 10.24
C LYS A 282 10.64 -8.92 9.26
N SER A 283 10.27 -9.29 8.04
CA SER A 283 9.87 -8.35 7.00
C SER A 283 8.34 -8.32 6.95
N LEU A 284 7.77 -7.13 7.16
CA LEU A 284 6.34 -6.98 7.32
C LEU A 284 5.76 -6.08 6.24
N ILE A 285 4.49 -6.33 5.93
CA ILE A 285 3.70 -5.48 5.05
C ILE A 285 2.40 -5.16 5.77
N TYR A 286 2.18 -3.88 6.05
CA TYR A 286 0.96 -3.43 6.70
C TYR A 286 -0.07 -3.02 5.65
N ALA A 287 -1.31 -3.46 5.86
CA ALA A 287 -2.37 -3.21 4.90
C ALA A 287 -3.64 -2.76 5.62
N VAL A 288 -4.48 -2.02 4.88
CA VAL A 288 -5.75 -1.52 5.39
C VAL A 288 -6.87 -2.25 4.68
N PHE A 289 -7.83 -2.77 5.45
CA PHE A 289 -8.95 -3.52 4.92
C PHE A 289 -10.26 -2.90 5.40
N THR A 290 -11.27 -2.93 4.53
CA THR A 290 -12.62 -2.54 4.88
C THR A 290 -13.57 -3.70 4.62
N THR A 291 -14.74 -3.64 5.25
CA THR A 291 -15.74 -4.68 5.05
C THR A 291 -16.55 -4.39 3.78
N SER A 292 -17.27 -5.42 3.34
CA SER A 292 -18.13 -5.28 2.17
C SER A 292 -19.41 -4.57 2.57
N VAL A 293 -20.25 -4.28 1.56
CA VAL A 293 -21.39 -3.39 1.74
C VAL A 293 -22.46 -3.98 2.65
N ASN A 294 -22.46 -5.29 2.88
CA ASN A 294 -23.53 -5.92 3.64
C ASN A 294 -23.18 -5.99 5.12
N ALA A 295 -22.04 -6.57 5.43
CA ALA A 295 -21.50 -6.49 6.79
C ALA A 295 -21.46 -5.03 7.21
N ILE A 296 -21.69 -4.82 8.50
CA ILE A 296 -21.72 -3.48 9.08
C ILE A 296 -20.42 -2.76 8.69
N PRO A 297 -20.46 -1.45 8.43
CA PRO A 297 -19.25 -0.75 7.99
C PRO A 297 -18.12 -0.91 8.99
N GLY A 298 -16.99 -1.40 8.50
CA GLY A 298 -15.85 -1.70 9.36
C GLY A 298 -14.55 -1.53 8.61
N SER A 299 -13.52 -1.13 9.36
CA SER A 299 -12.17 -1.00 8.83
C SER A 299 -11.20 -1.70 9.76
N ALA A 300 -10.07 -2.14 9.20
CA ALA A 300 -9.09 -2.85 9.99
C ALA A 300 -7.71 -2.67 9.39
N VAL A 301 -6.70 -2.81 10.24
CA VAL A 301 -5.29 -2.81 9.82
C VAL A 301 -4.71 -4.18 10.16
N CYS A 302 -4.22 -4.86 9.14
CA CYS A 302 -3.54 -6.14 9.32
C CYS A 302 -2.12 -6.04 8.80
N ALA A 303 -1.22 -6.81 9.42
CA ALA A 303 0.16 -6.92 9.00
C ALA A 303 0.42 -8.35 8.57
N PHE A 304 1.21 -8.51 7.51
CA PHE A 304 1.52 -9.83 6.97
C PHE A 304 3.02 -10.00 6.88
N ASN A 305 3.49 -11.19 7.25
CA ASN A 305 4.91 -11.51 7.16
C ASN A 305 5.23 -11.94 5.74
N VAL A 306 6.28 -11.33 5.16
CA VAL A 306 6.66 -11.63 3.78
C VAL A 306 7.05 -13.10 3.64
N ASP A 307 7.64 -13.67 4.69
CA ASP A 307 7.96 -15.10 4.65
C ASP A 307 6.71 -15.97 4.67
N ASP A 308 5.63 -15.48 5.28
CA ASP A 308 4.36 -16.20 5.23
C ASP A 308 3.66 -16.05 3.88
N ILE A 309 3.81 -14.89 3.24
CA ILE A 309 3.25 -14.71 1.91
C ILE A 309 3.91 -15.66 0.92
N LEU A 310 5.25 -15.67 0.91
CA LEU A 310 5.97 -16.53 -0.01
C LEU A 310 5.75 -18.01 0.30
N ALA A 311 5.44 -18.33 1.55
CA ALA A 311 5.24 -19.73 1.92
C ALA A 311 3.91 -20.26 1.41
N ALA A 312 2.91 -19.40 1.23
CA ALA A 312 1.61 -19.85 0.76
C ALA A 312 1.70 -20.46 -0.63
N PHE A 313 2.65 -20.01 -1.45
CA PHE A 313 2.83 -20.51 -2.79
C PHE A 313 3.61 -21.82 -2.83
N ASP A 314 3.92 -22.38 -1.66
CA ASP A 314 4.48 -23.73 -1.56
C ASP A 314 3.44 -24.77 -1.16
N GLY A 315 2.18 -24.37 -1.04
CA GLY A 315 1.12 -25.28 -0.62
C GLY A 315 0.35 -25.86 -1.78
N GLU A 316 -0.82 -26.41 -1.45
CA GLU A 316 -1.64 -27.08 -2.43
C GLU A 316 -2.36 -26.07 -3.33
N PHE A 317 -2.71 -26.51 -4.52
CA PHE A 317 -3.41 -25.69 -5.50
C PHE A 317 -4.91 -25.94 -5.39
N LYS A 318 -5.69 -24.87 -5.32
CA LYS A 318 -7.13 -24.99 -5.34
C LYS A 318 -7.58 -25.48 -6.70
N SER A 319 -8.29 -26.60 -6.72
CA SER A 319 -8.69 -27.21 -7.99
C SER A 319 -9.64 -26.30 -8.75
N GLN A 320 -9.72 -26.53 -10.05
CA GLN A 320 -10.63 -25.78 -10.91
C GLN A 320 -12.05 -25.90 -10.37
N LYS A 321 -12.79 -24.79 -10.42
CA LYS A 321 -14.16 -24.76 -9.90
C LYS A 321 -15.03 -25.67 -10.77
N ASP A 322 -14.99 -26.96 -10.45
CA ASP A 322 -15.82 -27.93 -11.15
C ASP A 322 -17.30 -27.67 -10.85
N SER A 323 -18.16 -28.36 -11.61
CA SER A 323 -19.60 -28.12 -11.50
C SER A 323 -20.11 -28.42 -10.10
N GLN A 324 -19.53 -29.42 -9.42
CA GLN A 324 -19.95 -29.72 -8.05
C GLN A 324 -19.51 -28.64 -7.09
N SER A 325 -18.34 -28.02 -7.33
CA SER A 325 -17.78 -26.91 -6.55
C SER A 325 -17.45 -27.28 -5.11
N HIS A 326 -17.55 -28.55 -4.74
CA HIS A 326 -17.10 -29.05 -3.45
C HIS A 326 -15.72 -29.66 -3.53
N TRP A 327 -15.01 -29.47 -4.64
CA TRP A 327 -13.74 -30.15 -4.87
C TRP A 327 -12.67 -29.64 -3.92
N LEU A 328 -11.80 -30.56 -3.49
CA LEU A 328 -10.70 -30.30 -2.58
C LEU A 328 -9.48 -29.80 -3.36
N PRO A 329 -8.39 -29.43 -2.71
CA PRO A 329 -7.19 -29.05 -3.45
C PRO A 329 -6.69 -30.17 -4.36
N VAL A 330 -5.86 -29.78 -5.34
CA VAL A 330 -5.38 -30.73 -6.33
C VAL A 330 -4.51 -31.80 -5.67
N GLU A 331 -4.65 -33.03 -6.17
CA GLU A 331 -3.86 -34.15 -5.65
C GLU A 331 -2.38 -33.87 -5.77
N ARG A 332 -1.61 -34.31 -4.76
CA ARG A 332 -0.18 -34.00 -4.71
C ARG A 332 0.57 -34.62 -5.89
N GLU A 333 0.04 -35.69 -6.46
CA GLU A 333 0.65 -36.35 -7.61
C GLU A 333 0.25 -35.74 -8.95
N GLN A 334 -0.68 -34.79 -8.95
CA GLN A 334 -1.14 -34.18 -10.18
C GLN A 334 -0.36 -32.92 -10.55
N VAL A 335 0.44 -32.38 -9.64
CA VAL A 335 1.22 -31.18 -9.93
C VAL A 335 2.34 -31.54 -10.90
N PRO A 336 2.73 -30.62 -11.81
CA PRO A 336 3.74 -30.95 -12.84
C PRO A 336 5.11 -31.33 -12.26
N LYS A 337 6.03 -31.73 -13.13
CA LYS A 337 7.28 -32.33 -12.68
C LYS A 337 8.16 -31.31 -11.95
N PRO A 338 8.46 -30.14 -12.50
CA PRO A 338 8.88 -29.03 -11.64
C PRO A 338 7.65 -28.35 -11.07
N ARG A 339 7.80 -27.82 -9.86
CA ARG A 339 6.66 -27.21 -9.20
C ARG A 339 6.28 -25.91 -9.90
N PRO A 340 4.99 -25.68 -10.17
CA PRO A 340 4.58 -24.41 -10.77
C PRO A 340 4.88 -23.25 -9.84
N GLY A 341 5.20 -22.10 -10.43
CA GLY A 341 5.61 -20.94 -9.69
C GLY A 341 7.07 -20.92 -9.28
N GLN A 342 7.78 -22.02 -9.45
CA GLN A 342 9.21 -22.06 -9.18
C GLN A 342 9.97 -21.47 -10.35
N CYS A 343 10.80 -20.46 -10.07
CA CYS A 343 11.44 -19.68 -11.14
C CYS A 343 12.51 -20.52 -11.82
N VAL A 344 12.14 -21.12 -12.96
CA VAL A 344 13.07 -21.88 -13.78
C VAL A 344 13.93 -20.90 -14.58
N GLU A 345 15.16 -21.33 -14.92
CA GLU A 345 16.06 -20.47 -15.67
C GLU A 345 15.46 -20.07 -17.01
N ASP A 346 15.07 -21.04 -17.83
CA ASP A 346 14.44 -20.79 -19.12
C ASP A 346 13.06 -21.42 -19.11
N SER A 347 12.04 -20.60 -18.87
CA SER A 347 10.66 -21.10 -18.81
C SER A 347 10.13 -21.55 -20.16
N ARG A 348 10.79 -21.19 -21.26
CA ARG A 348 10.37 -21.66 -22.58
C ARG A 348 10.55 -23.16 -22.73
N THR A 349 11.39 -23.77 -21.89
CA THR A 349 11.58 -25.22 -21.90
C THR A 349 10.47 -25.98 -21.20
N LEU A 350 9.61 -25.28 -20.45
CA LEU A 350 8.49 -25.94 -19.79
C LEU A 350 7.54 -26.52 -20.83
N THR A 351 6.84 -27.59 -20.43
CA THR A 351 5.92 -28.26 -21.33
C THR A 351 4.57 -27.56 -21.36
N SER A 352 3.80 -27.82 -22.42
CA SER A 352 2.46 -27.25 -22.51
C SER A 352 1.56 -27.74 -21.41
N ILE A 353 1.75 -28.98 -20.95
CA ILE A 353 0.94 -29.49 -19.85
C ILE A 353 1.27 -28.75 -18.56
N ALA A 354 2.54 -28.37 -18.38
CA ALA A 354 2.92 -27.67 -17.17
C ALA A 354 2.47 -26.22 -17.19
N VAL A 355 2.49 -25.58 -18.37
CA VAL A 355 2.05 -24.20 -18.47
C VAL A 355 0.53 -24.12 -18.37
N ASN A 356 -0.18 -25.03 -19.04
CA ASN A 356 -1.64 -25.05 -18.94
C ASN A 356 -2.10 -25.32 -17.53
N PHE A 357 -1.33 -26.08 -16.75
CA PHE A 357 -1.72 -26.38 -15.37
C PHE A 357 -1.74 -25.10 -14.53
N ILE A 358 -0.65 -24.33 -14.56
CA ILE A 358 -0.58 -23.11 -13.77
C ILE A 358 -1.56 -22.06 -14.29
N LYS A 359 -1.96 -22.15 -15.56
CA LYS A 359 -3.03 -21.29 -16.05
C LYS A 359 -4.40 -21.78 -15.56
N ASN A 360 -4.54 -23.08 -15.33
CA ASN A 360 -5.80 -23.62 -14.84
C ASN A 360 -5.95 -23.50 -13.33
N HIS A 361 -4.83 -23.51 -12.60
CA HIS A 361 -4.86 -23.47 -11.13
C HIS A 361 -3.95 -22.34 -10.64
N PRO A 362 -4.34 -21.08 -10.85
CA PRO A 362 -3.52 -19.97 -10.36
C PRO A 362 -3.79 -19.61 -8.91
N LEU A 363 -4.81 -20.19 -8.29
CA LEU A 363 -5.20 -19.84 -6.92
C LEU A 363 -4.74 -20.92 -5.96
N MET A 364 -4.05 -20.51 -4.91
CA MET A 364 -3.56 -21.44 -3.91
C MET A 364 -4.65 -21.76 -2.90
N GLU A 365 -4.58 -22.98 -2.36
CA GLU A 365 -5.64 -23.45 -1.46
C GLU A 365 -5.67 -22.65 -0.16
N GLU A 366 -4.51 -22.50 0.48
CA GLU A 366 -4.43 -21.86 1.78
C GLU A 366 -4.33 -20.34 1.64
N ALA A 367 -4.88 -19.64 2.62
CA ALA A 367 -4.80 -18.19 2.68
C ALA A 367 -3.62 -17.76 3.54
N VAL A 368 -3.21 -16.51 3.35
CA VAL A 368 -2.07 -15.94 4.09
C VAL A 368 -2.57 -15.46 5.44
N PRO A 369 -2.02 -15.97 6.55
CA PRO A 369 -2.46 -15.51 7.86
C PRO A 369 -1.79 -14.20 8.26
N ALA A 370 -2.55 -13.38 8.98
CA ALA A 370 -2.03 -12.11 9.46
C ALA A 370 -1.14 -12.33 10.67
N VAL A 371 -0.21 -11.39 10.88
CA VAL A 371 0.62 -11.42 12.07
C VAL A 371 -0.27 -11.27 13.29
N HIS A 372 -0.02 -12.10 14.31
CA HIS A 372 -0.79 -12.24 15.53
C HIS A 372 -2.16 -12.88 15.31
N GLY A 373 -2.52 -13.21 14.07
CA GLY A 373 -3.76 -13.88 13.79
C GLY A 373 -5.00 -13.03 13.97
N ARG A 374 -4.86 -11.72 14.05
CA ARG A 374 -5.98 -10.81 14.24
C ARG A 374 -5.56 -9.43 13.77
N PRO A 375 -6.51 -8.54 13.50
CA PRO A 375 -6.15 -7.18 13.09
C PRO A 375 -5.43 -6.43 14.21
N LEU A 376 -4.49 -5.59 13.79
CA LEU A 376 -3.80 -4.72 14.74
C LEU A 376 -4.68 -3.57 15.20
N LEU A 377 -5.71 -3.23 14.44
CA LEU A 377 -6.66 -2.19 14.80
C LEU A 377 -7.95 -2.45 14.03
N THR A 378 -9.09 -2.35 14.73
CA THR A 378 -10.39 -2.48 14.09
C THR A 378 -11.20 -1.21 14.34
N LYS A 379 -12.00 -0.85 13.33
CA LYS A 379 -12.90 0.31 13.43
C LYS A 379 -14.23 -0.12 12.83
N VAL A 380 -15.20 -0.42 13.70
CA VAL A 380 -16.48 -0.98 13.29
C VAL A 380 -17.60 -0.06 13.75
N ASN A 381 -18.64 0.07 12.91
CA ASN A 381 -19.82 0.88 13.21
C ASN A 381 -19.45 2.34 13.47
N LEU A 382 -18.55 2.86 12.65
CA LEU A 382 -18.12 4.25 12.72
C LEU A 382 -18.45 4.97 11.42
N HIS A 383 -18.54 6.30 11.50
CA HIS A 383 -18.91 7.11 10.35
C HIS A 383 -17.73 7.40 9.42
N HIS A 384 -16.67 6.60 9.47
CA HIS A 384 -15.55 6.79 8.57
C HIS A 384 -14.83 5.46 8.39
N ARG A 385 -14.13 5.34 7.25
CA ARG A 385 -13.35 4.17 6.93
C ARG A 385 -11.88 4.54 6.78
N LEU A 386 -11.00 3.60 7.09
CA LEU A 386 -9.57 3.81 6.89
C LEU A 386 -9.22 3.70 5.41
N THR A 387 -8.25 4.52 4.98
CA THR A 387 -7.93 4.63 3.55
C THR A 387 -6.44 4.56 3.27
N ALA A 388 -5.59 5.00 4.19
CA ALA A 388 -4.15 5.08 3.95
C ALA A 388 -3.39 4.43 5.09
N ILE A 389 -2.10 4.21 4.87
CA ILE A 389 -1.25 3.50 5.83
C ILE A 389 0.18 3.98 5.66
N ALA A 390 0.89 4.09 6.78
CA ALA A 390 2.31 4.43 6.80
C ALA A 390 2.87 4.00 8.15
N VAL A 391 4.14 3.64 8.17
CA VAL A 391 4.79 3.07 9.34
C VAL A 391 6.10 3.77 9.62
N HIS A 392 6.34 4.13 10.89
CA HIS A 392 7.66 4.52 11.37
C HIS A 392 8.22 3.32 12.15
N PRO A 393 9.10 2.52 11.55
CA PRO A 393 9.46 1.24 12.16
C PRO A 393 10.53 1.38 13.24
N GLN A 394 10.40 0.51 14.25
CA GLN A 394 11.44 0.27 15.26
C GLN A 394 11.80 1.55 16.00
N VAL A 395 10.79 2.22 16.53
CA VAL A 395 11.00 3.36 17.41
C VAL A 395 11.39 2.83 18.79
N LYS A 396 12.55 3.25 19.28
CA LYS A 396 13.06 2.77 20.57
C LYS A 396 12.38 3.53 21.70
N SER A 397 11.70 2.81 22.58
CA SER A 397 11.04 3.43 23.71
C SER A 397 12.04 3.75 24.81
N LEU A 398 11.61 4.57 25.77
CA LEU A 398 12.46 4.92 26.91
C LEU A 398 12.94 3.67 27.62
N SER A 399 12.07 2.67 27.71
CA SER A 399 12.42 1.42 28.36
C SER A 399 13.53 0.69 27.60
N GLY A 400 13.53 0.77 26.28
CA GLY A 400 14.50 0.07 25.45
C GLY A 400 13.90 -0.86 24.41
N ALA A 401 12.60 -1.15 24.48
CA ALA A 401 11.96 -1.99 23.48
C ALA A 401 11.65 -1.18 22.23
N TYR A 402 11.49 -1.87 21.11
CA TYR A 402 11.27 -1.25 19.82
C TYR A 402 9.84 -1.52 19.36
N TYR A 403 9.14 -0.45 18.97
CA TYR A 403 7.76 -0.53 18.53
C TYR A 403 7.61 0.14 17.17
N ASP A 404 6.78 -0.45 16.31
CA ASP A 404 6.42 0.19 15.06
C ASP A 404 5.26 1.16 15.31
N VAL A 405 5.49 2.44 15.06
CA VAL A 405 4.41 3.43 15.14
C VAL A 405 3.67 3.42 13.82
N ILE A 406 2.39 3.06 13.85
CA ILE A 406 1.60 2.85 12.65
C ILE A 406 0.68 4.06 12.46
N TYR A 407 0.68 4.61 11.25
CA TYR A 407 -0.15 5.75 10.89
C TYR A 407 -1.21 5.31 9.89
N SER A 408 -2.44 5.75 10.10
CA SER A 408 -3.55 5.38 9.23
C SER A 408 -4.45 6.58 9.01
N GLY A 409 -4.87 6.78 7.77
CA GLY A 409 -5.77 7.88 7.43
C GLY A 409 -7.17 7.41 7.10
N THR A 410 -8.12 8.33 7.11
CA THR A 410 -9.53 8.02 6.86
C THR A 410 -10.05 8.83 5.68
N ASP A 411 -11.21 8.41 5.17
CA ASP A 411 -11.94 9.23 4.21
C ASP A 411 -12.53 10.47 4.84
N ASP A 412 -12.52 10.55 6.18
CA ASP A 412 -12.98 11.72 6.91
C ASP A 412 -11.92 12.82 6.92
N GLY A 413 -10.64 12.44 6.81
CA GLY A 413 -9.55 13.38 6.95
C GLY A 413 -8.79 13.27 8.25
N LYS A 414 -9.03 12.24 9.05
CA LYS A 414 -8.36 12.06 10.32
C LYS A 414 -7.15 11.16 10.16
N VAL A 415 -6.23 11.27 11.12
CA VAL A 415 -5.02 10.44 11.16
C VAL A 415 -4.94 9.80 12.54
N THR A 416 -4.67 8.50 12.57
CA THR A 416 -4.60 7.75 13.81
C THR A 416 -3.20 7.16 13.97
N LYS A 417 -2.53 7.52 15.06
CA LYS A 417 -1.28 6.88 15.48
C LYS A 417 -1.61 5.79 16.48
N PHE A 418 -0.91 4.66 16.38
CA PHE A 418 -1.06 3.61 17.38
C PHE A 418 0.13 2.66 17.31
N ILE A 419 0.39 1.99 18.43
CA ILE A 419 1.36 0.92 18.52
C ILE A 419 0.67 -0.30 19.12
N ASN A 420 1.34 -1.44 19.03
CA ASN A 420 0.82 -2.70 19.55
C ASN A 420 1.73 -3.22 20.65
N ILE A 421 1.11 -3.77 21.70
CA ILE A 421 1.82 -4.39 22.81
C ILE A 421 1.23 -5.76 23.03
N LEU A 422 2.07 -6.79 22.98
CA LEU A 422 1.64 -8.17 23.14
C LEU A 422 2.06 -8.65 24.53
N SER A 423 1.09 -9.10 25.32
CA SER A 423 1.33 -9.52 26.70
C SER A 423 1.51 -11.04 26.77
N THR A 424 2.49 -11.47 27.55
CA THR A 424 2.79 -12.88 27.75
C THR A 424 2.41 -13.27 29.17
N HIS A 425 1.48 -14.21 29.29
CA HIS A 425 0.93 -14.66 30.56
C HIS A 425 0.52 -13.50 31.47
N PRO A 426 -0.38 -12.61 31.03
CA PRO A 426 -0.84 -11.54 31.92
C PRO A 426 -1.88 -12.04 32.91
N ASN A 427 -2.78 -12.91 32.44
CA ASN A 427 -3.78 -13.53 33.29
C ASN A 427 -3.84 -15.03 33.02
N SER A 428 -3.92 -15.40 31.75
CA SER A 428 -3.95 -16.80 31.33
C SER A 428 -2.86 -17.04 30.30
N THR A 429 -2.67 -18.32 29.95
CA THR A 429 -1.63 -18.68 29.00
C THR A 429 -1.88 -18.10 27.61
N VAL A 430 -3.12 -17.72 27.30
CA VAL A 430 -3.43 -17.12 26.01
C VAL A 430 -2.83 -15.72 25.95
N ASP A 431 -2.12 -15.43 24.87
CA ASP A 431 -1.54 -14.10 24.69
C ASP A 431 -2.62 -13.10 24.32
N ARG A 432 -2.54 -11.90 24.91
CA ARG A 432 -3.46 -10.82 24.61
C ARG A 432 -2.72 -9.71 23.89
N LEU A 433 -3.22 -9.33 22.72
CA LEU A 433 -2.68 -8.21 21.94
C LEU A 433 -3.58 -7.00 22.14
N LYS A 434 -3.01 -5.90 22.61
CA LYS A 434 -3.76 -4.67 22.81
C LYS A 434 -3.23 -3.58 21.89
N THR A 435 -4.07 -2.57 21.67
CA THR A 435 -3.79 -1.49 20.72
C THR A 435 -3.70 -0.19 21.50
N VAL A 436 -2.49 0.36 21.59
CA VAL A 436 -2.25 1.63 22.28
C VAL A 436 -2.43 2.75 21.25
N VAL A 437 -3.58 3.41 21.30
CA VAL A 437 -3.86 4.52 20.38
C VAL A 437 -3.15 5.76 20.90
N ILE A 438 -2.22 6.29 20.10
CA ILE A 438 -1.48 7.47 20.50
C ILE A 438 -2.32 8.73 20.34
N SER A 439 -2.87 8.94 19.15
CA SER A 439 -3.69 10.13 18.90
C SER A 439 -4.57 9.89 17.69
N GLU A 440 -5.70 10.58 17.65
CA GLU A 440 -6.56 10.65 16.47
C GLU A 440 -6.98 12.09 16.29
N MET A 441 -6.40 12.77 15.31
CA MET A 441 -6.62 14.19 15.10
C MET A 441 -7.13 14.45 13.69
N GLN A 442 -7.91 15.51 13.55
CA GLN A 442 -8.37 15.98 12.26
C GLN A 442 -7.24 16.75 11.58
N VAL A 443 -6.85 16.32 10.38
CA VAL A 443 -5.77 16.94 9.62
C VAL A 443 -6.30 17.73 8.44
N LEU A 444 -7.09 17.08 7.59
CA LEU A 444 -7.68 17.72 6.42
C LEU A 444 -9.04 18.31 6.79
N PRO A 445 -9.60 19.16 5.92
CA PRO A 445 -11.01 19.57 6.11
C PRO A 445 -11.92 18.36 6.25
N LEU A 446 -12.95 18.52 7.08
CA LEU A 446 -13.76 17.38 7.53
C LEU A 446 -14.31 16.54 6.39
N GLY A 447 -14.39 17.07 5.18
CA GLY A 447 -14.93 16.31 4.08
C GLY A 447 -13.88 15.54 3.28
N THR A 448 -12.71 16.15 3.10
CA THR A 448 -11.73 15.63 2.16
C THR A 448 -11.16 14.31 2.66
N PRO A 449 -11.04 13.31 1.77
CA PRO A 449 -10.45 12.03 2.16
C PRO A 449 -8.94 12.01 1.96
N ILE A 450 -8.29 11.08 2.67
CA ILE A 450 -6.84 10.94 2.67
C ILE A 450 -6.46 9.83 1.70
N ARG A 451 -5.70 10.17 0.66
CA ARG A 451 -5.32 9.22 -0.37
C ARG A 451 -4.04 8.46 -0.03
N GLU A 452 -3.01 9.16 0.44
CA GLU A 452 -1.73 8.54 0.74
C GLU A 452 -1.11 9.21 1.96
N LEU A 453 -0.11 8.54 2.53
CA LEU A 453 0.66 9.06 3.65
C LEU A 453 2.13 8.82 3.39
N VAL A 454 2.95 9.86 3.55
CA VAL A 454 4.39 9.80 3.35
C VAL A 454 5.07 10.24 4.63
N ILE A 455 6.08 9.49 5.05
CA ILE A 455 6.76 9.71 6.32
C ILE A 455 8.19 10.14 6.03
N SER A 456 8.58 11.28 6.59
CA SER A 456 9.97 11.75 6.59
C SER A 456 10.42 11.80 8.05
N THR A 457 11.20 10.80 8.47
CA THR A 457 11.60 10.70 9.87
C THR A 457 12.62 11.77 10.24
N SER A 458 13.54 12.10 9.33
CA SER A 458 14.58 13.06 9.64
C SER A 458 14.02 14.46 9.87
N LYS A 459 12.96 14.82 9.15
CA LYS A 459 12.32 16.12 9.32
C LYS A 459 11.14 16.08 10.26
N ASN A 460 10.86 14.92 10.88
CA ASN A 460 9.74 14.75 11.80
C ASN A 460 8.43 15.24 11.18
N SER A 461 8.16 14.76 9.96
CA SER A 461 7.06 15.27 9.16
C SER A 461 6.23 14.11 8.61
N LEU A 462 4.93 14.16 8.85
CA LEU A 462 3.97 13.29 8.19
C LEU A 462 3.24 14.11 7.14
N VAL A 463 3.27 13.65 5.90
CA VAL A 463 2.68 14.37 4.78
C VAL A 463 1.40 13.67 4.38
N VAL A 464 0.27 14.31 4.66
CA VAL A 464 -1.03 13.79 4.24
C VAL A 464 -1.30 14.24 2.81
N VAL A 465 -1.80 13.32 1.99
CA VAL A 465 -2.02 13.56 0.57
C VAL A 465 -3.50 13.36 0.26
N SER A 466 -4.13 14.41 -0.27
CA SER A 466 -5.49 14.34 -0.77
C SER A 466 -5.46 14.42 -2.29
N ASP A 467 -6.64 14.54 -2.90
CA ASP A 467 -6.71 14.65 -4.35
C ASP A 467 -6.05 15.93 -4.84
N GLY A 468 -6.17 17.01 -4.09
CA GLY A 468 -5.64 18.28 -4.55
C GLY A 468 -4.83 19.05 -3.54
N SER A 469 -4.16 18.36 -2.62
CA SER A 469 -3.35 19.05 -1.63
C SER A 469 -2.37 18.08 -0.97
N LEU A 470 -1.24 18.62 -0.55
CA LEU A 470 -0.32 17.97 0.38
C LEU A 470 -0.29 18.80 1.65
N VAL A 471 -0.44 18.14 2.80
CA VAL A 471 -0.45 18.83 4.09
C VAL A 471 0.60 18.18 4.98
N SER A 472 1.42 19.00 5.61
CA SER A 472 2.49 18.54 6.49
C SER A 472 2.08 18.75 7.94
N VAL A 473 2.03 17.67 8.71
CA VAL A 473 1.77 17.74 10.14
C VAL A 473 2.90 17.03 10.87
N PRO A 474 3.18 17.36 12.13
CA PRO A 474 4.33 16.73 12.81
C PRO A 474 4.17 15.22 12.95
N LEU A 475 5.26 14.51 12.67
CA LEU A 475 5.24 13.05 12.81
C LEU A 475 5.08 12.63 14.26
N HIS A 476 5.62 13.41 15.19
CA HIS A 476 5.50 13.14 16.62
C HIS A 476 5.33 14.46 17.35
N HIS A 477 4.33 14.53 18.22
CA HIS A 477 3.95 15.78 18.88
C HIS A 477 4.67 16.00 20.20
N CYS A 478 5.92 15.53 20.34
CA CYS A 478 6.63 15.73 21.60
C CYS A 478 6.87 17.20 21.87
N SER A 479 7.38 17.93 20.87
CA SER A 479 7.70 19.34 21.06
C SER A 479 6.47 20.23 21.06
N HIS A 480 5.28 19.68 20.82
CA HIS A 480 4.06 20.48 20.80
C HIS A 480 3.24 20.34 22.08
N ILE A 481 3.62 19.45 22.99
CA ILE A 481 2.94 19.30 24.27
C ILE A 481 3.85 19.87 25.35
N VAL A 482 3.27 20.69 26.22
CA VAL A 482 4.01 21.30 27.32
C VAL A 482 3.66 20.72 28.67
N ASP A 483 2.49 20.09 28.81
CA ASP A 483 2.09 19.51 30.09
C ASP A 483 2.70 18.13 30.27
N CYS A 484 3.09 17.82 31.52
CA CYS A 484 3.62 16.51 31.83
C CYS A 484 2.55 15.42 31.70
N LEU A 485 1.33 15.73 32.15
CA LEU A 485 0.25 14.76 32.04
C LEU A 485 -0.02 14.39 30.59
N GLY A 486 0.07 15.36 29.68
CA GLY A 486 -0.12 15.07 28.27
C GLY A 486 1.02 14.29 27.66
N CYS A 487 2.24 14.50 28.15
CA CYS A 487 3.39 13.77 27.63
C CYS A 487 3.31 12.28 27.97
N LEU A 488 2.76 11.96 29.14
CA LEU A 488 2.60 10.56 29.54
C LEU A 488 1.30 9.96 29.01
N SER A 489 0.23 10.75 28.94
CA SER A 489 -1.02 10.26 28.39
C SER A 489 -0.93 10.02 26.89
N LEU A 490 -0.01 10.70 26.20
CA LEU A 490 0.13 10.48 24.76
C LEU A 490 0.54 9.05 24.46
N GLN A 491 1.39 8.47 25.30
CA GLN A 491 1.87 7.08 25.14
C GLN A 491 2.55 6.86 23.79
N ASP A 492 3.15 7.92 23.25
CA ASP A 492 4.03 7.78 22.09
C ASP A 492 5.37 7.23 22.56
N PRO A 493 5.84 6.12 22.01
CA PRO A 493 7.12 5.54 22.47
C PRO A 493 8.31 6.46 22.27
N ILE A 494 8.16 7.54 21.49
CA ILE A 494 9.29 8.43 21.22
C ILE A 494 9.30 9.66 22.12
N CYS A 495 8.19 9.99 22.78
CA CYS A 495 8.13 11.12 23.69
C CYS A 495 8.31 10.64 25.12
N ALA A 496 9.21 11.29 25.85
CA ALA A 496 9.42 11.04 27.27
C ALA A 496 9.51 12.37 27.99
N TRP A 497 9.18 12.36 29.28
CA TRP A 497 9.12 13.57 30.10
C TRP A 497 10.37 13.69 30.96
N ASP A 498 11.11 14.78 30.78
CA ASP A 498 12.28 15.05 31.61
C ASP A 498 11.84 15.75 32.89
N LEU A 499 12.25 15.21 34.03
CA LEU A 499 11.93 15.85 35.30
C LEU A 499 12.89 16.99 35.61
N GLN A 500 14.12 16.93 35.09
CA GLN A 500 15.08 18.01 35.30
C GLN A 500 14.60 19.29 34.63
N THR A 501 14.18 19.19 33.37
CA THR A 501 13.62 20.32 32.63
C THR A 501 12.21 19.95 32.20
N HIS A 502 11.23 20.72 32.67
CA HIS A 502 9.83 20.44 32.37
C HIS A 502 9.60 20.62 30.88
N GLU A 503 9.94 19.58 30.12
CA GLU A 503 9.87 19.60 28.67
C GLU A 503 9.72 18.18 28.17
N CYS A 504 8.67 17.93 27.37
CA CYS A 504 8.46 16.63 26.75
C CYS A 504 9.43 16.48 25.59
N LYS A 505 10.37 15.55 25.70
CA LYS A 505 11.48 15.45 24.76
C LYS A 505 11.31 14.28 23.80
N ASN A 506 11.87 14.44 22.61
CA ASN A 506 11.87 13.40 21.59
C ASN A 506 13.14 12.56 21.75
N LEU A 507 12.97 11.25 21.92
CA LEU A 507 14.12 10.39 22.19
C LEU A 507 14.98 10.15 20.95
N ALA A 508 14.44 10.36 19.75
CA ALA A 508 15.21 10.09 18.54
C ALA A 508 15.98 11.32 18.07
N THR A 509 15.39 12.51 18.15
CA THR A 509 16.01 13.73 17.67
C THR A 509 16.77 14.49 18.76
N SER A 510 16.13 14.74 19.90
CA SER A 510 16.77 15.51 20.96
C SER A 510 17.95 14.75 21.55
N GLN A 511 19.00 15.49 21.91
CA GLN A 511 20.21 14.90 22.45
C GLN A 511 20.16 14.90 23.97
N HIS A 512 20.46 13.76 24.57
CA HIS A 512 20.41 13.59 26.02
C HIS A 512 21.82 13.24 26.51
N LYS A 513 22.69 14.24 26.54
CA LYS A 513 24.08 13.99 26.95
C LYS A 513 24.18 13.60 28.42
N PHE A 514 23.23 14.04 29.24
CA PHE A 514 23.24 13.71 30.66
C PHE A 514 22.43 12.46 30.97
N GLY A 515 21.98 11.73 29.95
CA GLY A 515 21.28 10.49 30.16
C GLY A 515 19.78 10.67 30.35
N THR A 516 19.08 9.53 30.35
CA THR A 516 17.62 9.51 30.44
C THR A 516 17.13 8.92 31.77
N LYS A 517 17.98 8.93 32.81
CA LYS A 517 17.58 8.36 34.09
C LYS A 517 16.48 9.17 34.75
N THR A 518 16.40 10.48 34.47
CA THR A 518 15.39 11.34 35.03
C THR A 518 14.14 11.43 34.17
N TYR A 519 13.98 10.52 33.21
CA TYR A 519 12.86 10.58 32.28
C TYR A 519 11.75 9.63 32.73
N LEU A 520 10.52 9.94 32.31
CA LEU A 520 9.35 9.13 32.64
C LEU A 520 8.59 8.78 31.37
N GLN A 521 8.16 7.53 31.27
CA GLN A 521 7.33 7.07 30.16
C GLN A 521 6.62 5.81 30.59
N SER A 522 5.35 5.68 30.18
CA SER A 522 4.53 4.52 30.54
C SER A 522 3.68 4.15 29.33
N LEU A 523 4.09 3.08 28.64
CA LEU A 523 3.36 2.59 27.49
C LEU A 523 2.45 1.41 27.79
N ASN A 524 2.76 0.65 28.84
CA ASN A 524 2.05 -0.58 29.18
C ASN A 524 1.03 -0.36 30.30
N SER A 525 0.30 0.76 30.25
CA SER A 525 -0.63 1.12 31.30
C SER A 525 -1.84 1.83 30.69
N THR A 526 -2.78 2.20 31.55
CA THR A 526 -3.88 3.05 31.12
C THR A 526 -3.38 4.48 30.94
N LYS A 527 -4.08 5.23 30.08
CA LYS A 527 -3.71 6.63 29.88
C LYS A 527 -3.90 7.44 31.17
N LYS A 528 -4.80 7.01 32.05
CA LYS A 528 -4.89 7.61 33.37
C LYS A 528 -3.87 7.02 34.33
N ALA A 529 -3.53 5.74 34.17
CA ALA A 529 -2.50 5.13 34.99
C ALA A 529 -1.12 5.69 34.66
N ALA A 530 -0.92 6.15 33.42
CA ALA A 530 0.35 6.76 33.06
C ALA A 530 0.51 8.13 33.72
N ALA A 531 -0.52 8.97 33.64
CA ALA A 531 -0.46 10.30 34.23
C ALA A 531 -0.28 10.27 35.75
N LEU A 532 -0.56 9.13 36.38
CA LEU A 532 -0.32 9.02 37.82
C LEU A 532 1.17 9.03 38.13
N LEU A 533 1.98 8.42 37.25
CA LEU A 533 3.43 8.46 37.43
C LEU A 533 3.97 9.89 37.35
N CYS A 534 3.30 10.74 36.57
CA CYS A 534 3.72 12.14 36.49
C CYS A 534 3.59 12.80 37.86
N PRO A 535 4.54 13.63 38.27
CA PRO A 535 4.49 14.24 39.60
C PRO A 535 3.25 15.10 39.81
N HIS A 536 2.91 15.30 41.07
CA HIS A 536 1.75 16.08 41.46
C HIS A 536 1.93 17.55 41.10
C1 NAG B . -8.74 -16.96 8.32
C2 NAG B . -9.26 -18.35 7.96
C3 NAG B . -10.27 -18.84 9.00
C4 NAG B . -9.74 -18.66 10.42
C5 NAG B . -9.16 -17.26 10.62
C6 NAG B . -8.48 -17.08 11.96
C7 NAG B . -9.27 -18.93 5.57
C8 NAG B . -10.03 -18.84 4.28
N2 NAG B . -9.84 -18.36 6.63
O3 NAG B . -10.54 -20.20 8.73
O4 NAG B . -10.80 -18.79 11.38
O5 NAG B . -8.19 -16.98 9.61
O6 NAG B . -7.40 -17.97 12.12
O7 NAG B . -8.18 -19.49 5.65
C1 NAG B . -11.19 -20.15 11.61
C2 NAG B . -11.25 -20.41 13.11
C3 NAG B . -11.77 -21.81 13.40
C4 NAG B . -13.05 -22.11 12.62
C5 NAG B . -12.90 -21.73 11.15
C6 NAG B . -14.19 -21.83 10.38
C7 NAG B . -9.70 -19.37 14.72
C8 NAG B . -8.29 -19.32 15.21
N2 NAG B . -9.94 -20.23 13.72
O3 NAG B . -12.01 -21.93 14.80
O4 NAG B . -13.30 -23.52 12.66
O5 NAG B . -12.47 -20.37 11.05
O6 NAG B . -14.09 -21.18 9.12
O7 NAG B . -10.59 -18.67 15.20
C1 BMA B . -14.21 -23.87 13.71
C2 BMA B . -14.93 -25.11 13.27
C3 BMA B . -15.97 -25.48 14.31
C4 BMA B . -15.41 -25.47 15.77
C5 BMA B . -14.34 -24.36 16.04
C6 BMA B . -13.41 -24.73 17.19
O2 BMA B . -14.03 -26.22 13.20
O3 BMA B . -16.52 -26.76 14.03
O4 BMA B . -16.50 -25.28 16.68
O5 BMA B . -13.52 -24.14 14.89
O6 BMA B . -12.63 -25.86 16.78
C1 MAN B . -17.75 -26.60 13.28
C2 MAN B . -18.71 -27.74 13.70
C3 MAN B . -18.22 -29.06 13.13
C4 MAN B . -18.04 -28.94 11.61
C5 MAN B . -17.06 -27.82 11.28
C6 MAN B . -16.94 -27.56 9.79
O2 MAN B . -20.00 -27.55 13.13
O3 MAN B . -19.10 -30.13 13.45
O4 MAN B . -17.56 -30.17 11.10
O5 MAN B . -17.52 -26.58 11.86
O6 MAN B . -17.04 -28.82 9.12
C1 MAN B . -20.90 -27.15 14.19
C2 MAN B . -22.35 -27.20 13.63
C3 MAN B . -22.71 -25.94 12.83
C4 MAN B . -22.24 -24.67 13.55
C5 MAN B . -20.76 -24.77 13.79
C6 MAN B . -20.11 -23.53 14.38
O2 MAN B . -23.29 -27.19 14.68
O3 MAN B . -24.11 -25.88 12.59
O4 MAN B . -22.52 -23.53 12.74
O5 MAN B . -20.55 -25.87 14.70
O6 MAN B . -21.14 -22.73 14.96
C1 MAN B . -23.92 -28.47 14.85
C2 MAN B . -25.36 -28.13 15.10
C3 MAN B . -25.38 -27.05 16.16
C4 MAN B . -24.63 -27.50 17.45
C5 MAN B . -23.27 -28.18 17.12
C6 MAN B . -22.72 -28.98 18.28
O2 MAN B . -26.06 -29.25 15.65
O3 MAN B . -26.70 -26.65 16.50
O4 MAN B . -24.38 -26.35 18.25
O5 MAN B . -23.39 -29.07 15.99
O6 MAN B . -21.37 -29.33 17.98
C1 MAN B . -11.58 -26.13 17.74
C2 MAN B . -10.61 -27.18 17.13
C3 MAN B . -11.29 -28.55 17.01
C4 MAN B . -11.97 -28.95 18.34
C5 MAN B . -12.86 -27.82 18.92
C6 MAN B . -13.31 -28.16 20.34
O2 MAN B . -9.47 -27.39 17.96
O3 MAN B . -10.35 -29.56 16.65
O4 MAN B . -12.75 -30.11 18.14
O5 MAN B . -12.12 -26.58 18.98
O6 MAN B . -13.98 -27.05 20.96
C1 MAN B . -10.73 -30.24 15.43
C2 MAN B . -10.24 -31.68 15.55
C3 MAN B . -8.72 -31.69 15.61
C4 MAN B . -8.11 -30.93 14.41
C5 MAN B . -8.72 -29.53 14.28
C6 MAN B . -8.34 -28.85 12.97
O2 MAN B . -10.58 -32.44 14.38
O3 MAN B . -8.20 -33.02 15.66
O4 MAN B . -6.70 -30.81 14.59
O5 MAN B . -10.17 -29.61 14.30
O6 MAN B . -8.91 -29.60 11.90
C1 MAN B . -15.11 -27.53 21.72
C2 MAN B . -15.70 -26.37 22.61
C3 MAN B . -14.94 -26.20 23.93
C4 MAN B . -14.73 -27.54 24.65
C5 MAN B . -13.98 -28.49 23.71
C6 MAN B . -13.73 -29.85 24.33
O2 MAN B . -17.05 -26.64 22.99
O3 MAN B . -15.60 -25.29 24.81
O4 MAN B . -13.97 -27.35 25.83
O5 MAN B . -14.76 -28.70 22.50
O6 MAN B . -13.51 -30.79 23.28
C1 NAG C . 14.10 17.11 -7.17
C2 NAG C . 15.05 16.37 -8.10
C3 NAG C . 16.21 15.77 -7.30
C4 NAG C . 16.95 16.88 -6.59
C5 NAG C . 16.02 17.81 -5.79
C6 NAG C . 16.73 19.11 -5.44
C7 NAG C . 13.91 14.19 -8.84
C8 NAG C . 13.86 13.70 -7.42
N2 NAG C . 14.46 15.41 -9.06
O3 NAG C . 17.07 15.09 -8.20
O4 NAG C . 17.90 16.32 -5.69
O5 NAG C . 14.84 18.19 -6.51
O6 NAG C . 17.63 19.52 -6.45
O7 NAG C . 13.48 13.51 -9.78
C1 NAG C . 19.18 16.49 -6.33
C2 NAG C . 20.23 16.67 -5.24
C3 NAG C . 21.61 16.84 -5.89
C4 NAG C . 21.90 15.73 -6.90
C5 NAG C . 20.72 15.51 -7.84
C6 NAG C . 20.85 14.28 -8.71
C7 NAG C . 19.84 17.78 -3.08
C8 NAG C . 19.51 19.07 -2.40
N2 NAG C . 19.92 17.83 -4.42
O3 NAG C . 22.61 16.83 -4.87
O4 NAG C . 23.02 16.12 -7.67
O5 NAG C . 19.50 15.34 -7.10
O6 NAG C . 19.82 14.21 -9.69
O7 NAG C . 20.04 16.74 -2.46
C1 BMA C . 24.02 15.08 -7.64
C2 BMA C . 24.70 15.07 -9.02
C3 BMA C . 25.75 13.99 -9.03
C4 BMA C . 26.75 14.22 -7.89
C5 BMA C . 25.99 14.24 -6.55
C6 BMA C . 26.88 14.50 -5.36
O2 BMA C . 25.37 16.30 -9.26
O3 BMA C . 26.40 13.89 -10.29
O4 BMA C . 27.71 13.17 -7.86
O5 BMA C . 25.00 15.30 -6.62
O6 BMA C . 27.00 13.28 -4.63
C1 MAN C . 25.82 12.79 -11.01
C2 MAN C . 26.36 11.49 -10.39
C3 MAN C . 27.86 11.37 -10.64
C4 MAN C . 28.22 11.64 -12.13
C5 MAN C . 27.54 12.92 -12.66
C6 MAN C . 27.69 13.08 -14.16
O2 MAN C . 25.77 10.33 -11.00
O3 MAN C . 28.37 10.10 -10.24
O4 MAN C . 29.62 11.78 -12.26
O5 MAN C . 26.13 12.88 -12.37
O6 MAN C . 26.68 13.98 -14.60
C1 NAG D . -7.25 26.37 -10.65
C2 NAG D . -6.30 26.80 -11.79
C3 NAG D . -6.49 28.29 -12.09
C4 NAG D . -7.96 28.62 -12.34
C5 NAG D . -8.80 28.14 -11.16
C6 NAG D . -10.28 28.35 -11.37
C7 NAG D . -3.94 26.46 -12.36
C8 NAG D . -2.57 26.14 -11.83
N2 NAG D . -4.92 26.51 -11.45
O3 NAG D . -5.72 28.64 -13.24
O4 NAG D . -8.12 30.03 -12.50
O5 NAG D . -8.60 26.73 -10.98
O6 NAG D . -10.84 29.15 -10.33
O7 NAG D . -4.14 26.67 -13.55
C1 NAG E . -9.86 -0.18 -12.68
C2 NAG E . -11.11 0.39 -13.39
C3 NAG E . -12.19 -0.67 -13.55
C4 NAG E . -11.64 -1.94 -14.17
C5 NAG E . -10.45 -2.42 -13.34
C6 NAG E . -9.80 -3.66 -13.91
C7 NAG E . -12.16 1.53 -11.46
C8 NAG E . -12.63 2.85 -10.92
N2 NAG E . -11.63 1.56 -12.69
O3 NAG E . -13.24 -0.15 -14.36
O4 NAG E . -12.63 -2.95 -14.21
O5 NAG E . -9.45 -1.39 -13.32
O6 NAG E . -10.76 -4.54 -14.47
O7 NAG E . -12.24 0.50 -10.81
#